data_2IN6
#
_entry.id   2IN6
#
_cell.length_a   69.465
_cell.length_b   69.465
_cell.length_c   157.344
_cell.angle_alpha   90.00
_cell.angle_beta   90.00
_cell.angle_gamma   90.00
#
_symmetry.space_group_name_H-M   'P 41 21 2'
#
loop_
_entity.id
_entity.type
_entity.pdbx_description
1 polymer 'Wee1-like protein kinase'
2 non-polymer '3-(9-HYDROXY-1,3-DIOXO-4-PHENYL-2,3-DIHYDROPYRROLO[3,4-C]CARBAZOL-6(1H)-YL)PROPANOIC ACID'
3 water water
#
_entity_poly.entity_id   1
_entity_poly.type   'polypeptide(L)'
_entity_poly.pdbx_seq_one_letter_code
;AEMKSRYTTEFHELEKIGSGEFGSVFKCVKRLDGCIYAIKRSKKPLAGSVDEQNALREVYAHAVLGQHSHVVRYFSAWAE
DDHMLIQNEYCNGGSLADAISENYRIMSYFKEAELKDLLLQVGRGLRYIHSMSLVHMDIKPSNIFISRTSIPNAASEEGD
EDDWASNKVMFKIGDLGHVTRISSPQVEEGDSRFLANEVLQENYTHLPKADIFALALTVVCAAGAEPLPRNGDQWHEIRQ
GRLPRIPQVLSQEFTELLKVMIHPDPERRPSAMALVKHSVLLSASRK
;
_entity_poly.pdbx_strand_id   A
#
loop_
_chem_comp.id
_chem_comp.type
_chem_comp.name
_chem_comp.formula
839 non-polymer '3-(9-HYDROXY-1,3-DIOXO-4-PHENYL-2,3-DIHYDROPYRROLO[3,4-C]CARBAZOL-6(1H)-YL)PROPANOIC ACID' 'C23 H16 N2 O5'
#
# COMPACT_ATOMS: atom_id res chain seq x y z
N MET A 3 -8.33 24.24 25.00
CA MET A 3 -7.67 23.55 23.86
C MET A 3 -6.70 24.47 23.11
N LYS A 4 -7.17 25.03 22.00
CA LYS A 4 -6.29 25.49 20.91
C LYS A 4 -5.11 24.51 20.67
N SER A 5 -5.49 23.32 20.21
CA SER A 5 -4.72 22.33 19.49
C SER A 5 -3.56 22.87 18.65
N ARG A 6 -2.45 22.11 18.57
CA ARG A 6 -1.42 22.36 17.55
C ARG A 6 -2.12 22.21 16.19
N TYR A 7 -2.90 21.16 16.06
CA TYR A 7 -3.68 20.92 14.84
C TYR A 7 -4.49 22.12 14.41
N THR A 8 -5.28 22.67 15.33
CA THR A 8 -6.11 23.85 15.04
C THR A 8 -5.28 25.03 14.73
N THR A 9 -4.24 25.24 15.52
CA THR A 9 -3.45 26.45 15.40
C THR A 9 -2.51 26.46 14.19
N GLU A 10 -1.96 25.31 13.81
CA GLU A 10 -0.96 25.30 12.74
C GLU A 10 -1.50 25.05 11.33
N PHE A 11 -2.69 24.48 11.28
CA PHE A 11 -3.32 24.01 10.06
C PHE A 11 -4.74 24.56 9.90
N HIS A 12 -5.09 24.80 8.64
CA HIS A 12 -6.48 25.02 8.22
C HIS A 12 -6.96 23.71 7.58
N GLU A 13 -7.94 23.08 8.21
CA GLU A 13 -8.55 21.86 7.69
C GLU A 13 -9.48 22.15 6.51
N LEU A 14 -9.15 21.61 5.34
CA LEU A 14 -9.95 21.84 4.12
C LEU A 14 -11.09 20.84 3.98
N GLU A 15 -10.76 19.56 3.89
CA GLU A 15 -11.78 18.52 3.74
C GLU A 15 -11.35 17.20 4.33
N LYS A 16 -12.35 16.39 4.69
CA LYS A 16 -12.11 15.03 5.07
C LYS A 16 -11.92 14.16 3.81
N ILE A 17 -10.79 13.46 3.73
CA ILE A 17 -10.52 12.64 2.56
C ILE A 17 -10.56 11.16 2.83
N GLY A 18 -10.60 10.76 4.10
CA GLY A 18 -10.53 9.36 4.41
C GLY A 18 -11.13 9.06 5.75
N SER A 19 -11.71 7.86 5.89
CA SER A 19 -12.29 7.46 7.16
C SER A 19 -12.05 5.99 7.39
N GLY A 20 -11.98 5.58 8.65
CA GLY A 20 -11.64 4.20 8.95
C GLY A 20 -12.17 3.72 10.28
N GLU A 21 -11.77 2.49 10.60
CA GLU A 21 -12.12 1.84 11.86
C GLU A 21 -11.39 2.50 13.04
N PHE A 22 -10.31 3.21 12.75
CA PHE A 22 -9.60 4.00 13.75
C PHE A 22 -8.98 5.28 13.15
N GLY A 23 -9.82 6.28 12.90
CA GLY A 23 -9.32 7.58 12.52
C GLY A 23 -9.65 8.02 11.11
N SER A 24 -9.63 9.34 10.95
CA SER A 24 -9.91 10.01 9.70
C SER A 24 -8.69 10.79 9.20
N VAL A 25 -8.65 10.99 7.89
CA VAL A 25 -7.59 11.72 7.22
C VAL A 25 -8.21 12.97 6.65
N PHE A 26 -7.53 14.08 6.86
CA PHE A 26 -7.97 15.40 6.38
C PHE A 26 -6.93 16.05 5.50
N LYS A 27 -7.39 16.70 4.45
CA LYS A 27 -6.60 17.57 3.62
C LYS A 27 -6.49 18.93 4.35
N CYS A 28 -5.27 19.34 4.68
CA CYS A 28 -5.08 20.56 5.45
C CYS A 28 -3.99 21.38 4.86
N VAL A 29 -4.13 22.70 5.03
CA VAL A 29 -3.11 23.66 4.66
C VAL A 29 -2.36 24.10 5.93
N LYS A 30 -1.04 23.92 5.95
CA LYS A 30 -0.25 24.43 7.08
C LYS A 30 -0.13 25.92 6.93
N ARG A 31 -0.55 26.64 7.97
CA ARG A 31 -0.67 28.11 7.86
C ARG A 31 0.67 28.77 7.57
N LEU A 32 1.71 28.29 8.29
CA LEU A 32 3.02 28.87 8.09
C LEU A 32 3.68 28.64 6.76
N ASP A 33 3.60 27.43 6.21
CA ASP A 33 4.37 27.22 5.00
C ASP A 33 3.58 27.23 3.68
N GLY A 34 2.26 27.39 3.78
CA GLY A 34 1.36 27.42 2.62
C GLY A 34 1.11 26.10 1.90
N CYS A 35 1.66 25.00 2.42
CA CYS A 35 1.57 23.68 1.70
C CYS A 35 0.43 22.85 2.21
N ILE A 36 -0.03 21.97 1.33
CA ILE A 36 -1.11 21.06 1.64
C ILE A 36 -0.51 19.74 2.11
N TYR A 37 -1.05 19.22 3.20
CA TYR A 37 -0.69 17.92 3.75
C TYR A 37 -1.89 17.06 4.00
N ALA A 38 -1.64 15.75 4.07
CA ALA A 38 -2.66 14.82 4.55
C ALA A 38 -2.40 14.53 6.05
N ILE A 39 -3.39 14.70 6.91
CA ILE A 39 -3.16 14.53 8.34
C ILE A 39 -4.16 13.52 8.86
N LYS A 40 -3.65 12.43 9.41
CA LYS A 40 -4.51 11.40 9.95
C LYS A 40 -4.65 11.66 11.44
N ARG A 41 -5.89 11.68 11.93
CA ARG A 41 -6.13 11.96 13.34
C ARG A 41 -6.89 10.77 13.87
N SER A 42 -6.28 10.08 14.83
CA SER A 42 -6.86 8.87 15.35
C SER A 42 -6.90 8.87 16.88
N LYS A 43 -7.74 8.01 17.46
CA LYS A 43 -7.92 8.00 18.92
C LYS A 43 -6.68 7.39 19.59
N LYS A 44 -6.07 8.14 20.51
CA LYS A 44 -4.87 7.71 21.23
C LYS A 44 -5.12 6.41 22.02
N PRO A 45 -4.33 5.35 21.81
CA PRO A 45 -4.62 4.10 22.51
C PRO A 45 -4.14 4.15 23.96
N SER A 49 -0.16 -0.08 26.09
CA SER A 49 -0.92 -1.11 25.38
C SER A 49 -0.26 -1.61 24.09
N VAL A 50 -0.63 -2.82 23.69
CA VAL A 50 -0.33 -3.40 22.40
C VAL A 50 -0.87 -2.55 21.24
N ASP A 51 -2.07 -1.99 21.42
CA ASP A 51 -2.58 -1.05 20.43
C ASP A 51 -1.66 0.18 20.25
N GLU A 52 -1.02 0.62 21.35
CA GLU A 52 -0.12 1.77 21.28
C GLU A 52 1.19 1.42 20.57
N GLN A 53 1.65 0.19 20.81
CA GLN A 53 2.86 -0.33 20.19
C GLN A 53 2.66 -0.39 18.68
N ASN A 54 1.47 -0.88 18.25
CA ASN A 54 1.07 -0.86 16.85
C ASN A 54 1.02 0.55 16.25
N ALA A 55 0.38 1.49 16.97
CA ALA A 55 0.29 2.86 16.46
C ALA A 55 1.67 3.53 16.33
N LEU A 56 2.57 3.20 17.26
CA LEU A 56 3.91 3.79 17.23
C LEU A 56 4.78 3.22 16.13
N ARG A 57 4.61 1.93 15.83
CA ARG A 57 5.38 1.37 14.73
C ARG A 57 5.10 2.14 13.44
N GLU A 58 3.86 2.61 13.27
CA GLU A 58 3.54 3.38 12.05
C GLU A 58 4.41 4.68 12.01
N VAL A 59 4.50 5.34 13.15
CA VAL A 59 5.32 6.53 13.30
C VAL A 59 6.81 6.20 13.08
N TYR A 60 7.26 5.10 13.69
CA TYR A 60 8.68 4.69 13.54
C TYR A 60 9.02 4.32 12.09
N ALA A 61 8.11 3.59 11.43
CA ALA A 61 8.26 3.27 10.00
C ALA A 61 8.37 4.51 9.11
N HIS A 62 7.41 5.44 9.29
CA HIS A 62 7.53 6.77 8.62
C HIS A 62 8.78 7.54 8.75
N ALA A 63 9.26 7.65 9.99
CA ALA A 63 10.47 8.38 10.31
C ALA A 63 11.76 7.79 9.73
N VAL A 64 11.71 6.56 9.20
CA VAL A 64 12.86 5.95 8.50
C VAL A 64 12.61 5.75 6.99
N LEU A 65 11.36 5.89 6.56
CA LEU A 65 11.03 5.74 5.17
C LEU A 65 10.62 7.10 4.55
N GLY A 66 11.36 8.18 4.89
CA GLY A 66 11.10 9.54 4.37
C GLY A 66 11.91 10.07 3.18
N GLN A 67 12.61 9.18 2.52
CA GLN A 67 13.57 9.59 1.51
C GLN A 67 13.33 8.93 0.16
N HIS A 68 12.18 8.31 -0.01
CA HIS A 68 11.92 7.62 -1.27
C HIS A 68 10.79 8.24 -2.06
N SER A 69 11.03 8.40 -3.36
CA SER A 69 10.06 8.92 -4.32
C SER A 69 8.72 8.15 -4.40
N HIS A 70 8.76 6.86 -4.09
CA HIS A 70 7.59 5.95 -4.18
C HIS A 70 7.05 5.51 -2.85
N VAL A 71 7.33 6.30 -1.82
CA VAL A 71 6.72 6.12 -0.51
C VAL A 71 6.29 7.49 -0.07
N VAL A 72 5.03 7.63 0.36
CA VAL A 72 4.50 8.92 0.87
C VAL A 72 5.48 9.46 1.94
N ARG A 73 5.90 10.71 1.80
CA ARG A 73 6.80 11.39 2.79
C ARG A 73 6.09 11.72 4.09
N TYR A 74 6.81 11.55 5.18
CA TYR A 74 6.40 11.94 6.50
C TYR A 74 6.97 13.31 6.88
N PHE A 75 6.20 14.09 7.63
CA PHE A 75 6.62 15.40 8.07
C PHE A 75 6.67 15.46 9.58
N SER A 76 5.59 15.04 10.25
CA SER A 76 5.48 15.18 11.71
C SER A 76 4.43 14.27 12.26
N ALA A 77 4.56 13.97 13.54
CA ALA A 77 3.56 13.22 14.33
C ALA A 77 3.59 13.85 15.74
N TRP A 78 2.43 13.85 16.38
CA TRP A 78 2.28 14.43 17.75
C TRP A 78 1.02 13.87 18.39
N ALA A 79 0.90 14.06 19.71
CA ALA A 79 -0.24 13.58 20.47
C ALA A 79 -0.84 14.80 21.13
N GLU A 80 -2.17 14.88 21.14
CA GLU A 80 -2.86 15.97 21.82
C GLU A 80 -4.31 15.65 21.99
N ASP A 81 -4.83 16.05 23.16
CA ASP A 81 -6.13 15.60 23.63
C ASP A 81 -6.03 14.11 23.92
N ASP A 82 -6.90 13.38 23.25
CA ASP A 82 -6.94 11.94 23.32
C ASP A 82 -6.79 11.47 21.89
N HIS A 83 -5.96 12.19 21.12
CA HIS A 83 -5.73 11.81 19.73
C HIS A 83 -4.27 11.77 19.37
N MET A 84 -3.92 10.82 18.49
CA MET A 84 -2.62 10.83 17.79
C MET A 84 -2.77 11.38 16.35
N LEU A 85 -1.81 12.18 15.92
CA LEU A 85 -1.84 12.79 14.58
C LEU A 85 -0.53 12.50 13.84
N ILE A 86 -0.67 12.18 12.56
CA ILE A 86 0.45 12.05 11.62
C ILE A 86 0.21 12.97 10.39
N GLN A 87 1.21 13.80 10.08
CA GLN A 87 1.16 14.75 8.98
C GLN A 87 2.07 14.20 7.92
N ASN A 88 1.42 13.77 6.82
CA ASN A 88 2.13 13.27 5.62
C ASN A 88 2.01 14.13 4.35
N GLU A 89 2.86 13.84 3.35
CA GLU A 89 2.73 14.35 2.01
C GLU A 89 1.28 14.11 1.49
N TYR A 90 0.71 15.16 0.89
CA TYR A 90 -0.63 15.03 0.26
C TYR A 90 -0.46 14.66 -1.21
N CYS A 91 -1.14 13.61 -1.66
CA CYS A 91 -1.07 13.23 -3.07
C CYS A 91 -2.39 13.67 -3.71
N ASN A 92 -2.29 14.57 -4.65
CA ASN A 92 -3.52 15.15 -5.22
C ASN A 92 -4.28 14.31 -6.25
N GLY A 93 -3.73 13.16 -6.63
CA GLY A 93 -4.40 12.25 -7.61
C GLY A 93 -5.30 11.21 -6.99
N GLY A 94 -5.40 11.22 -5.68
CA GLY A 94 -6.26 10.26 -4.97
C GLY A 94 -5.60 8.89 -4.84
N SER A 95 -6.37 7.89 -4.42
CA SER A 95 -5.86 6.53 -4.37
C SER A 95 -5.93 5.80 -5.70
N LEU A 96 -5.07 4.82 -5.85
CA LEU A 96 -5.26 3.82 -6.90
C LEU A 96 -6.65 3.13 -6.93
N ALA A 97 -7.21 2.86 -5.77
CA ALA A 97 -8.50 2.22 -5.72
C ALA A 97 -9.57 3.12 -6.36
N ASP A 98 -9.53 4.43 -6.09
CA ASP A 98 -10.45 5.35 -6.76
C ASP A 98 -10.28 5.44 -8.31
N ALA A 99 -9.03 5.44 -8.81
CA ALA A 99 -8.78 5.40 -10.26
C ALA A 99 -9.34 4.11 -10.87
N ILE A 100 -9.14 2.99 -10.16
CA ILE A 100 -9.58 1.66 -10.67
C ILE A 100 -11.12 1.59 -10.72
N SER A 101 -11.75 2.14 -9.68
CA SER A 101 -13.24 2.16 -9.60
C SER A 101 -13.88 3.04 -10.73
N GLU A 102 -13.24 4.14 -11.06
CA GLU A 102 -13.70 4.98 -12.18
C GLU A 102 -13.49 4.27 -13.54
N ASN A 103 -12.33 3.63 -13.69
CA ASN A 103 -12.02 2.79 -14.85
C ASN A 103 -13.00 1.65 -15.04
N TYR A 104 -13.37 1.02 -13.93
CA TYR A 104 -14.34 -0.02 -13.93
C TYR A 104 -15.68 0.41 -14.59
N ARG A 105 -16.18 1.59 -14.22
CA ARG A 105 -17.48 2.07 -14.68
C ARG A 105 -17.39 2.49 -16.15
N ILE A 106 -16.21 2.89 -16.57
CA ILE A 106 -15.99 3.50 -17.90
C ILE A 106 -15.56 2.46 -18.96
N MET A 107 -15.26 1.26 -18.47
CA MET A 107 -14.70 0.15 -19.27
C MET A 107 -13.40 0.43 -20.00
N SER A 108 -12.53 1.23 -19.38
CA SER A 108 -11.27 1.56 -19.97
C SER A 108 -10.21 1.45 -18.82
N TYR A 109 -9.36 0.44 -18.86
CA TYR A 109 -8.48 0.10 -17.69
C TYR A 109 -7.05 0.66 -17.88
N PHE A 110 -6.14 0.43 -16.95
CA PHE A 110 -4.71 0.61 -17.28
C PHE A 110 -4.26 -0.33 -18.39
N LYS A 111 -3.60 0.23 -19.40
CA LYS A 111 -3.09 -0.57 -20.51
C LYS A 111 -1.77 -1.21 -20.11
N GLU A 112 -1.27 -2.19 -20.88
CA GLU A 112 -0.03 -2.92 -20.49
C GLU A 112 1.13 -2.01 -20.11
N ALA A 113 1.40 -0.98 -20.95
CA ALA A 113 2.42 0.03 -20.64
C ALA A 113 2.26 0.74 -19.27
N GLU A 114 1.02 1.04 -18.91
CA GLU A 114 0.69 1.71 -17.67
C GLU A 114 0.74 0.76 -16.47
N LEU A 115 0.35 -0.50 -16.68
CA LEU A 115 0.51 -1.57 -15.67
C LEU A 115 1.99 -1.85 -15.35
N LYS A 116 2.83 -1.86 -16.38
CA LYS A 116 4.28 -2.02 -16.21
C LYS A 116 4.89 -0.88 -15.36
N ASP A 117 4.44 0.36 -15.63
CA ASP A 117 4.85 1.55 -14.88
C ASP A 117 4.43 1.52 -13.41
N LEU A 118 3.17 1.11 -13.14
CA LEU A 118 2.65 0.88 -11.81
C LEU A 118 3.47 -0.20 -11.10
N LEU A 119 3.64 -1.34 -11.75
CA LEU A 119 4.43 -2.45 -11.19
C LEU A 119 5.86 -1.99 -10.84
N LEU A 120 6.54 -1.37 -11.80
CA LEU A 120 7.89 -0.85 -11.58
C LEU A 120 8.00 0.17 -10.46
N GLN A 121 7.12 1.18 -10.46
CA GLN A 121 7.13 2.23 -9.44
C GLN A 121 6.89 1.71 -8.02
N VAL A 122 5.80 0.99 -7.80
CA VAL A 122 5.58 0.38 -6.47
C VAL A 122 6.68 -0.65 -6.11
N GLY A 123 7.13 -1.42 -7.12
CA GLY A 123 8.29 -2.31 -6.98
C GLY A 123 9.53 -1.58 -6.43
N ARG A 124 9.83 -0.39 -6.94
CA ARG A 124 10.92 0.41 -6.38
C ARG A 124 10.67 0.85 -4.92
N GLY A 125 9.47 1.34 -4.62
CA GLY A 125 9.06 1.57 -3.25
C GLY A 125 9.23 0.34 -2.37
N LEU A 126 8.79 -0.83 -2.84
CA LEU A 126 8.98 -2.06 -2.07
C LEU A 126 10.48 -2.40 -1.86
N ARG A 127 11.30 -2.13 -2.89
CA ARG A 127 12.73 -2.41 -2.80
C ARG A 127 13.36 -1.50 -1.73
N TYR A 128 12.99 -0.22 -1.70
CA TYR A 128 13.42 0.65 -0.61
C TYR A 128 13.00 0.11 0.79
N ILE A 129 11.70 -0.13 0.98
CA ILE A 129 11.20 -0.61 2.28
C ILE A 129 11.93 -1.85 2.70
N HIS A 130 12.06 -2.82 1.79
CA HIS A 130 12.66 -4.09 2.12
C HIS A 130 14.16 -3.95 2.41
N SER A 131 14.82 -2.99 1.76
CA SER A 131 16.23 -2.71 2.03
C SER A 131 16.46 -2.20 3.47
N MET A 132 15.40 -1.69 4.08
CA MET A 132 15.41 -1.24 5.45
C MET A 132 15.02 -2.30 6.45
N SER A 133 15.02 -3.57 6.05
CA SER A 133 14.61 -4.70 6.91
C SER A 133 13.21 -4.55 7.50
N LEU A 134 12.32 -4.01 6.65
CA LEU A 134 10.96 -3.73 7.00
C LEU A 134 10.10 -4.38 5.91
N VAL A 135 8.88 -4.77 6.25
CA VAL A 135 7.89 -5.17 5.24
C VAL A 135 6.62 -4.35 5.42
N HIS A 136 5.81 -4.25 4.36
CA HIS A 136 4.64 -3.35 4.45
C HIS A 136 3.43 -4.09 5.00
N MET A 137 3.14 -5.27 4.44
CA MET A 137 2.06 -6.14 4.94
C MET A 137 0.61 -5.68 4.70
N ASP A 138 0.41 -4.62 3.95
CA ASP A 138 -0.97 -4.24 3.53
C ASP A 138 -0.99 -3.48 2.18
N ILE A 139 -0.20 -3.99 1.24
CA ILE A 139 -0.20 -3.45 -0.14
C ILE A 139 -1.55 -3.73 -0.81
N LYS A 140 -2.24 -2.66 -1.26
CA LYS A 140 -3.51 -2.84 -2.03
C LYS A 140 -3.78 -1.48 -2.67
N PRO A 141 -4.70 -1.42 -3.65
CA PRO A 141 -4.97 -0.16 -4.34
C PRO A 141 -5.37 1.00 -3.42
N SER A 142 -6.09 0.79 -2.33
CA SER A 142 -6.46 1.96 -1.52
C SER A 142 -5.30 2.51 -0.66
N ASN A 143 -4.20 1.75 -0.60
CA ASN A 143 -2.95 2.23 0.07
C ASN A 143 -1.85 2.62 -0.90
N ILE A 144 -2.21 2.82 -2.17
CA ILE A 144 -1.30 3.41 -3.14
C ILE A 144 -1.88 4.72 -3.56
N PHE A 145 -1.05 5.76 -3.57
CA PHE A 145 -1.51 7.12 -3.87
C PHE A 145 -0.86 7.72 -5.10
N ILE A 146 -1.57 8.62 -5.75
CA ILE A 146 -1.19 9.05 -7.09
C ILE A 146 -0.89 10.53 -7.01
N SER A 147 0.21 10.91 -7.63
CA SER A 147 0.69 12.26 -7.67
C SER A 147 1.06 12.60 -9.11
N LYS A 168 4.23 13.03 -15.86
CA LYS A 168 4.33 11.63 -15.45
C LYS A 168 3.51 11.39 -14.18
N VAL A 169 2.70 10.33 -14.17
CA VAL A 169 2.01 9.96 -12.94
C VAL A 169 3.04 9.37 -11.96
N MET A 170 2.84 9.59 -10.66
CA MET A 170 3.75 8.99 -9.68
C MET A 170 2.90 8.22 -8.73
N PHE A 171 3.23 6.96 -8.54
CA PHE A 171 2.57 6.12 -7.56
C PHE A 171 3.44 6.04 -6.29
N LYS A 172 2.80 6.12 -5.12
CA LYS A 172 3.52 6.21 -3.83
C LYS A 172 2.82 5.29 -2.85
N ILE A 173 3.57 4.41 -2.17
CA ILE A 173 3.02 3.50 -1.17
C ILE A 173 2.70 4.35 0.07
N GLY A 174 1.52 4.16 0.65
CA GLY A 174 1.25 4.81 1.90
C GLY A 174 0.58 3.83 2.84
N ASP A 175 -0.02 4.40 3.87
CA ASP A 175 -0.60 3.64 4.97
C ASP A 175 0.36 2.62 5.57
N LEU A 176 1.24 3.14 6.44
CA LEU A 176 2.29 2.27 7.06
C LEU A 176 1.79 1.61 8.35
N GLY A 177 0.46 1.53 8.50
CA GLY A 177 -0.17 0.92 9.70
C GLY A 177 0.10 -0.57 9.98
N HIS A 178 0.65 -1.33 9.02
CA HIS A 178 0.92 -2.72 9.21
C HIS A 178 2.43 -3.05 9.14
N VAL A 179 3.24 -2.01 8.99
CA VAL A 179 4.68 -2.19 8.78
C VAL A 179 5.26 -2.89 10.01
N THR A 180 6.14 -3.85 9.75
CA THR A 180 6.90 -4.49 10.81
C THR A 180 8.29 -4.88 10.32
N ARG A 181 9.22 -5.18 11.24
CA ARG A 181 10.53 -5.72 10.82
C ARG A 181 10.41 -7.07 10.07
N ILE A 182 11.31 -7.30 9.13
CA ILE A 182 11.28 -8.46 8.26
C ILE A 182 11.24 -9.83 9.00
N SER A 183 12.00 -9.93 10.10
CA SER A 183 12.06 -11.17 10.86
C SER A 183 11.12 -11.19 12.06
N SER A 184 10.05 -10.38 12.05
CA SER A 184 9.07 -10.37 13.15
C SER A 184 8.41 -11.74 13.37
N PRO A 185 8.31 -12.19 14.64
CA PRO A 185 7.65 -13.46 14.87
C PRO A 185 6.14 -13.32 15.04
N GLN A 186 5.67 -12.09 15.28
CA GLN A 186 4.25 -11.78 15.24
C GLN A 186 3.99 -10.68 14.22
N VAL A 187 2.87 -10.80 13.52
CA VAL A 187 2.54 -9.93 12.39
C VAL A 187 1.06 -9.55 12.49
N GLU A 188 0.71 -8.31 12.17
CA GLU A 188 -0.68 -7.99 11.89
C GLU A 188 -1.01 -8.21 10.37
N GLU A 189 -1.97 -9.09 10.14
CA GLU A 189 -2.36 -9.54 8.83
C GLU A 189 -3.05 -8.39 8.06
N GLY A 190 -2.68 -8.21 6.78
CA GLY A 190 -3.26 -7.12 5.96
C GLY A 190 -4.59 -7.57 5.35
N ASP A 191 -5.13 -6.76 4.45
CA ASP A 191 -6.42 -7.07 3.80
C ASP A 191 -6.52 -8.50 3.28
N SER A 192 -7.61 -9.16 3.64
CA SER A 192 -7.83 -10.54 3.24
C SER A 192 -7.75 -10.80 1.74
N ARG A 193 -8.20 -9.81 0.94
CA ARG A 193 -8.27 -9.97 -0.55
C ARG A 193 -6.85 -10.08 -1.15
N PHE A 194 -5.85 -9.58 -0.42
CA PHE A 194 -4.46 -9.48 -0.95
C PHE A 194 -3.49 -10.37 -0.20
N LEU A 195 -4.04 -11.12 0.72
CA LEU A 195 -3.22 -11.85 1.67
C LEU A 195 -2.71 -13.16 1.10
N ALA A 196 -1.40 -13.40 1.22
CA ALA A 196 -0.78 -14.66 0.80
C ALA A 196 -1.09 -15.77 1.83
N ASN A 197 -1.17 -17.00 1.35
CA ASN A 197 -1.64 -18.08 2.17
C ASN A 197 -0.70 -18.36 3.34
N GLU A 198 0.59 -18.24 3.09
CA GLU A 198 1.58 -18.64 4.09
C GLU A 198 1.51 -17.73 5.31
N VAL A 199 1.21 -16.44 5.06
CA VAL A 199 0.95 -15.49 6.13
C VAL A 199 -0.30 -15.87 6.93
N LEU A 200 -1.41 -16.19 6.24
CA LEU A 200 -2.61 -16.63 6.91
C LEU A 200 -2.28 -17.87 7.76
N GLN A 201 -1.39 -18.72 7.26
CA GLN A 201 -0.97 -19.95 7.97
C GLN A 201 0.02 -19.70 9.11
N GLU A 202 0.36 -18.44 9.36
CA GLU A 202 1.30 -18.01 10.41
C GLU A 202 2.74 -18.42 10.13
N ASN A 203 3.08 -18.49 8.84
CA ASN A 203 4.42 -18.80 8.40
C ASN A 203 5.17 -17.57 7.86
N TYR A 204 6.02 -17.02 8.71
CA TYR A 204 6.59 -15.70 8.51
C TYR A 204 8.05 -15.73 8.08
N THR A 205 8.43 -16.85 7.47
CA THR A 205 9.80 -17.05 7.04
C THR A 205 10.22 -16.22 5.81
N HIS A 206 9.25 -15.79 5.01
CA HIS A 206 9.57 -15.02 3.78
C HIS A 206 8.63 -13.82 3.63
N LEU A 207 8.52 -13.01 4.67
CA LEU A 207 7.59 -11.88 4.70
C LEU A 207 7.63 -10.94 3.51
N PRO A 208 8.85 -10.60 2.98
CA PRO A 208 8.89 -9.71 1.82
C PRO A 208 8.07 -10.23 0.64
N LYS A 209 7.98 -11.54 0.47
CA LYS A 209 7.26 -12.14 -0.65
C LYS A 209 5.75 -12.04 -0.46
N ALA A 210 5.28 -11.77 0.77
CA ALA A 210 3.87 -11.46 0.94
C ALA A 210 3.56 -10.10 0.27
N ASP A 211 4.47 -9.14 0.39
CA ASP A 211 4.33 -7.85 -0.27
C ASP A 211 4.27 -7.98 -1.80
N ILE A 212 5.15 -8.82 -2.33
CA ILE A 212 5.21 -9.18 -3.76
C ILE A 212 3.89 -9.77 -4.27
N PHE A 213 3.35 -10.72 -3.53
CA PHE A 213 2.08 -11.35 -3.83
C PHE A 213 0.95 -10.31 -3.89
N ALA A 214 0.89 -9.44 -2.87
CA ALA A 214 -0.12 -8.35 -2.83
C ALA A 214 0.04 -7.35 -3.99
N LEU A 215 1.28 -7.03 -4.37
CA LEU A 215 1.55 -6.14 -5.50
C LEU A 215 1.02 -6.74 -6.80
N ALA A 216 1.27 -8.05 -7.00
CA ALA A 216 0.70 -8.70 -8.20
C ALA A 216 -0.83 -8.59 -8.27
N LEU A 217 -1.53 -8.88 -7.18
CA LEU A 217 -2.99 -8.75 -7.17
C LEU A 217 -3.48 -7.30 -7.30
N THR A 218 -2.71 -6.36 -6.76
CA THR A 218 -2.96 -4.93 -6.99
C THR A 218 -2.89 -4.57 -8.50
N VAL A 219 -1.89 -5.12 -9.18
CA VAL A 219 -1.76 -4.90 -10.62
C VAL A 219 -2.91 -5.55 -11.44
N VAL A 220 -3.30 -6.74 -11.04
CA VAL A 220 -4.49 -7.38 -11.61
C VAL A 220 -5.77 -6.53 -11.51
N CYS A 221 -6.03 -5.96 -10.34
CA CYS A 221 -7.10 -5.03 -10.12
C CYS A 221 -7.04 -3.82 -11.06
N ALA A 222 -5.85 -3.23 -11.15
CA ALA A 222 -5.61 -2.14 -12.15
C ALA A 222 -5.83 -2.55 -13.64
N ALA A 223 -5.62 -3.82 -13.94
CA ALA A 223 -5.80 -4.38 -15.30
C ALA A 223 -7.29 -4.57 -15.68
N GLY A 224 -8.18 -4.34 -14.76
CA GLY A 224 -9.62 -4.35 -15.01
C GLY A 224 -10.36 -5.58 -14.46
N ALA A 225 -9.75 -6.31 -13.52
CA ALA A 225 -10.38 -7.51 -12.94
C ALA A 225 -11.64 -7.21 -12.11
N GLU A 226 -12.53 -8.20 -12.01
CA GLU A 226 -13.62 -8.12 -11.03
C GLU A 226 -13.04 -7.97 -9.60
N PRO A 227 -13.79 -7.36 -8.67
CA PRO A 227 -13.40 -7.27 -7.26
C PRO A 227 -12.95 -8.62 -6.73
N LEU A 228 -11.85 -8.62 -6.01
CA LEU A 228 -11.26 -9.83 -5.50
C LEU A 228 -12.02 -10.46 -4.35
N PRO A 229 -11.99 -11.79 -4.27
CA PRO A 229 -12.68 -12.53 -3.21
C PRO A 229 -12.06 -12.34 -1.82
N ARG A 230 -12.91 -12.21 -0.80
CA ARG A 230 -12.44 -12.10 0.60
C ARG A 230 -12.20 -13.46 1.29
N ASN A 231 -12.92 -14.48 0.82
CA ASN A 231 -12.83 -15.85 1.34
C ASN A 231 -13.39 -16.83 0.30
N GLY A 232 -13.67 -18.06 0.70
CA GLY A 232 -14.29 -19.04 -0.19
C GLY A 232 -13.37 -19.61 -1.25
N ASP A 233 -13.97 -20.22 -2.26
CA ASP A 233 -13.27 -21.08 -3.24
C ASP A 233 -12.44 -20.33 -4.29
N GLN A 234 -12.94 -19.18 -4.74
CA GLN A 234 -12.20 -18.24 -5.60
C GLN A 234 -10.91 -17.79 -4.92
N TRP A 235 -11.00 -17.55 -3.62
CA TRP A 235 -9.86 -17.12 -2.79
C TRP A 235 -8.74 -18.18 -2.78
N HIS A 236 -9.08 -19.44 -2.56
CA HIS A 236 -8.11 -20.54 -2.57
C HIS A 236 -7.49 -20.84 -3.91
N GLU A 237 -8.25 -20.69 -4.99
CA GLU A 237 -7.74 -20.93 -6.34
C GLU A 237 -6.64 -19.94 -6.74
N ILE A 238 -6.79 -18.68 -6.31
CA ILE A 238 -5.76 -17.66 -6.57
C ILE A 238 -4.47 -18.05 -5.83
N ARG A 239 -4.64 -18.47 -4.59
CA ARG A 239 -3.56 -18.90 -3.71
C ARG A 239 -2.91 -20.23 -4.22
N GLN A 240 -3.62 -20.95 -5.10
CA GLN A 240 -2.99 -22.02 -5.87
C GLN A 240 -2.08 -21.51 -6.99
N GLY A 241 -2.02 -20.18 -7.19
CA GLY A 241 -1.18 -19.56 -8.21
C GLY A 241 -1.88 -19.26 -9.52
N ARG A 242 -3.22 -19.23 -9.48
CA ARG A 242 -4.04 -18.97 -10.67
C ARG A 242 -4.54 -17.52 -10.69
N LEU A 243 -4.10 -16.78 -11.71
CA LEU A 243 -4.42 -15.40 -11.91
C LEU A 243 -5.90 -15.23 -12.16
N PRO A 244 -6.54 -14.23 -11.52
CA PRO A 244 -7.94 -13.97 -11.85
C PRO A 244 -8.06 -13.52 -13.31
N ARG A 245 -9.27 -13.57 -13.84
CA ARG A 245 -9.51 -13.13 -15.23
C ARG A 245 -9.31 -11.62 -15.38
N ILE A 246 -8.62 -11.24 -16.44
CA ILE A 246 -8.27 -9.83 -16.79
C ILE A 246 -8.89 -9.50 -18.17
N PRO A 247 -9.77 -8.49 -18.25
CA PRO A 247 -10.56 -8.22 -19.47
C PRO A 247 -9.79 -7.48 -20.55
N GLN A 248 -8.55 -7.85 -20.78
CA GLN A 248 -7.75 -7.24 -21.82
C GLN A 248 -6.61 -8.19 -22.16
N VAL A 249 -6.07 -8.08 -23.37
CA VAL A 249 -4.97 -8.94 -23.82
C VAL A 249 -3.63 -8.39 -23.32
N LEU A 250 -2.88 -9.21 -22.61
CA LEU A 250 -1.51 -8.83 -22.19
C LEU A 250 -0.46 -9.76 -22.79
N SER A 251 0.76 -9.25 -22.99
CA SER A 251 1.85 -10.09 -23.45
C SER A 251 2.03 -11.29 -22.52
N GLN A 252 2.47 -12.39 -23.10
CA GLN A 252 2.59 -13.61 -22.37
C GLN A 252 3.65 -13.45 -21.28
N GLU A 253 4.69 -12.71 -21.62
CA GLU A 253 5.85 -12.43 -20.78
C GLU A 253 5.41 -11.66 -19.49
N PHE A 254 4.49 -10.70 -19.67
CA PHE A 254 3.97 -9.91 -18.56
C PHE A 254 3.02 -10.75 -17.68
N THR A 255 2.08 -11.45 -18.32
CA THR A 255 1.20 -12.40 -17.63
C THR A 255 1.99 -13.43 -16.80
N GLU A 256 3.07 -13.93 -17.39
CA GLU A 256 3.91 -14.92 -16.70
C GLU A 256 4.63 -14.32 -15.47
N LEU A 257 5.00 -13.05 -15.56
CA LEU A 257 5.60 -12.34 -14.41
C LEU A 257 4.60 -12.19 -13.26
N LEU A 258 3.37 -11.74 -13.58
CA LEU A 258 2.28 -11.72 -12.63
C LEU A 258 2.01 -13.07 -11.99
N LYS A 259 2.06 -14.13 -12.80
CA LYS A 259 1.71 -15.45 -12.30
C LYS A 259 2.78 -15.93 -11.30
N VAL A 260 4.04 -15.71 -11.63
CA VAL A 260 5.12 -16.08 -10.71
C VAL A 260 5.14 -15.28 -9.39
N MET A 261 4.72 -14.00 -9.44
CA MET A 261 4.57 -13.18 -8.23
C MET A 261 3.50 -13.76 -7.29
N ILE A 262 2.59 -14.58 -7.81
CA ILE A 262 1.57 -15.22 -6.96
C ILE A 262 1.78 -16.74 -6.78
N HIS A 263 3.00 -17.21 -7.07
CA HIS A 263 3.34 -18.63 -6.85
C HIS A 263 3.08 -19.03 -5.40
N PRO A 264 2.45 -20.21 -5.17
CA PRO A 264 2.17 -20.67 -3.81
C PRO A 264 3.44 -20.88 -2.99
N ASP A 265 4.58 -21.05 -3.65
CA ASP A 265 5.88 -21.14 -3.00
C ASP A 265 6.48 -19.75 -2.96
N PRO A 266 6.52 -19.13 -1.77
CA PRO A 266 7.06 -17.77 -1.69
C PRO A 266 8.45 -17.61 -2.25
N GLU A 267 9.31 -18.64 -2.13
CA GLU A 267 10.66 -18.53 -2.65
C GLU A 267 10.74 -18.42 -4.18
N ARG A 268 9.67 -18.79 -4.87
CA ARG A 268 9.68 -18.68 -6.32
C ARG A 268 9.24 -17.27 -6.79
N ARG A 269 8.62 -16.50 -5.91
CA ARG A 269 8.24 -15.15 -6.29
C ARG A 269 9.46 -14.31 -6.36
N PRO A 270 9.49 -13.32 -7.27
CA PRO A 270 10.70 -12.49 -7.29
C PRO A 270 10.86 -11.58 -6.06
N SER A 271 12.11 -11.27 -5.70
CA SER A 271 12.36 -10.25 -4.69
C SER A 271 12.02 -8.90 -5.31
N ALA A 272 11.85 -7.85 -4.52
CA ALA A 272 11.64 -6.53 -5.12
C ALA A 272 12.81 -6.08 -6.00
N MET A 273 14.04 -6.27 -5.53
CA MET A 273 15.21 -5.99 -6.37
C MET A 273 15.13 -6.76 -7.72
N ALA A 274 14.80 -8.03 -7.67
CA ALA A 274 14.72 -8.81 -8.91
C ALA A 274 13.57 -8.30 -9.81
N LEU A 275 12.40 -8.08 -9.21
CA LEU A 275 11.31 -7.39 -9.90
C LEU A 275 11.76 -6.10 -10.59
N VAL A 276 12.39 -5.15 -9.89
CA VAL A 276 12.73 -3.88 -10.54
C VAL A 276 13.74 -4.00 -11.71
N LYS A 277 14.60 -5.03 -11.69
CA LYS A 277 15.59 -5.31 -12.74
C LYS A 277 15.09 -6.27 -13.82
N HIS A 278 13.81 -6.64 -13.75
CA HIS A 278 13.25 -7.66 -14.61
C HIS A 278 13.21 -7.14 -16.03
N SER A 279 13.48 -8.02 -16.98
CA SER A 279 13.58 -7.64 -18.39
C SER A 279 12.23 -7.18 -18.97
N VAL A 280 11.12 -7.73 -18.47
CA VAL A 280 9.78 -7.22 -18.81
C VAL A 280 9.57 -5.72 -18.46
N LEU A 281 10.22 -5.24 -17.40
CA LEU A 281 10.05 -3.85 -16.95
C LEU A 281 11.09 -2.85 -17.51
O5 839 B . -9.56 6.39 2.30
C23 839 B . -8.59 6.13 1.55
O4 839 B . -8.33 4.98 1.15
C21 839 B . -7.68 7.27 1.13
C22 839 B . -7.78 8.50 2.02
N2 839 B . -6.65 9.32 1.52
C14 839 B . -5.44 9.28 2.12
C16 839 B . -6.66 10.13 0.41
C18 839 B . -7.70 10.46 -0.49
C20 839 B . -7.39 11.36 -1.51
C19 839 B . -6.13 11.91 -1.68
O3 839 B . -5.95 12.75 -2.74
C17 839 B . -5.04 11.56 -0.82
C15 839 B . -5.39 10.69 0.24
C13 839 B . -4.58 10.16 1.31
C4 839 B . -3.19 10.35 1.72
C5 839 B . -2.07 11.11 1.17
O1 839 B . -2.14 11.89 0.20
C3 839 B . -2.69 9.63 2.87
C6 839 B . -1.28 10.10 2.90
O2 839 B . -0.48 9.67 3.78
N1 839 B . -0.91 10.97 1.91
C2 839 B . -3.60 8.78 3.63
C1 839 B . -4.94 8.60 3.21
C7 839 B . -3.16 8.08 4.83
C12 839 B . -3.35 6.65 5.05
C11 839 B . -2.86 6.09 6.36
C10 839 B . -2.28 6.90 7.29
C9 839 B . -2.13 8.24 7.11
C8 839 B . -2.56 8.88 5.94
#